data_3TYS
#
_entry.id   3TYS
#
_cell.length_a   28.499
_cell.length_b   39.307
_cell.length_c   61.935
_cell.angle_alpha   90.00
_cell.angle_beta   90.00
_cell.angle_gamma   90.00
#
_symmetry.space_group_name_H-M   'P 2 21 21'
#
loop_
_entity.id
_entity.type
_entity.pdbx_description
1 polymer 'Predicted transcriptional regulator'
2 water water
#
_entity_poly.entity_id   1
_entity_poly.type   'polypeptide(L)'
_entity_poly.pdbx_seq_one_letter_code
;(MSE)GSSHHHHHHSSGRENLYFQG(MSE)RVSYNKLWKLLIDRD(MSE)KKGELREAVGVSKSTFAKLGKNENVSLTVL
LAICEYLNCDFGDIIEALPE
;
_entity_poly.pdbx_strand_id   A
#
# COMPACT_ATOMS: atom_id res chain seq x y z
N ARG A 14 -8.61 -0.93 -19.69
CA ARG A 14 -8.50 -1.78 -20.89
C ARG A 14 -9.20 -3.12 -20.66
N GLU A 15 -9.23 -3.61 -19.40
CA GLU A 15 -9.84 -4.88 -19.06
C GLU A 15 -11.31 -4.69 -18.81
N ASN A 16 -12.07 -5.69 -19.17
CA ASN A 16 -13.49 -5.69 -18.86
CA ASN A 16 -13.49 -5.70 -18.88
C ASN A 16 -13.72 -6.89 -17.97
N LEU A 17 -13.55 -6.67 -16.65
CA LEU A 17 -13.57 -7.76 -15.69
C LEU A 17 -14.98 -7.98 -15.17
N TYR A 18 -15.24 -9.22 -14.75
CA TYR A 18 -16.56 -9.58 -14.33
C TYR A 18 -16.67 -9.69 -12.80
N PHE A 19 -15.66 -9.15 -12.12
CA PHE A 19 -15.68 -8.99 -10.64
C PHE A 19 -15.12 -7.61 -10.36
N GLN A 20 -15.93 -6.79 -9.68
CA GLN A 20 -15.64 -5.36 -9.44
C GLN A 20 -16.00 -4.94 -8.03
N GLY A 21 -16.17 -5.89 -7.13
CA GLY A 21 -16.73 -5.62 -5.82
C GLY A 21 -15.78 -5.53 -4.65
N MSE A 22 -14.51 -5.68 -4.87
CA MSE A 22 -13.53 -5.61 -3.80
CA MSE A 22 -13.55 -5.60 -3.78
C MSE A 22 -12.62 -4.41 -3.94
O MSE A 22 -12.49 -3.81 -5.04
CB MSE A 22 -12.64 -6.84 -3.83
CB MSE A 22 -12.78 -6.89 -3.66
CG MSE A 22 -13.36 -8.12 -3.96
CG MSE A 22 -13.69 -8.04 -3.38
SE MSE A 22 -14.24 -8.46 -2.33
SE MSE A 22 -12.83 -9.54 -2.81
CE MSE A 22 -12.68 -9.10 -1.37
CE MSE A 22 -12.70 -9.07 -1.03
H MSE A 22 -14.16 -5.84 -5.65
HA MSE A 22 -14.02 -5.52 -2.93
HB2 MSE A 22 -12.03 -6.77 -4.58
HB2 MSE A 22 -12.32 -7.07 -4.49
HB3 MSE A 22 -12.12 -6.87 -3.00
HB3 MSE A 22 -12.15 -6.82 -2.92
HG2 MSE A 22 -14.02 -8.05 -4.67
HG2 MSE A 22 -14.32 -7.78 -2.67
HG3 MSE A 22 -12.73 -8.84 -4.14
HG3 MSE A 22 -14.18 -8.26 -4.18
HE1 MSE A 22 -12.93 -9.34 -0.48
HE1 MSE A 22 -13.58 -8.94 -0.68
HE2 MSE A 22 -12.32 -9.86 -1.83
HE2 MSE A 22 -12.25 -9.78 -0.55
HE3 MSE A 22 -12.02 -8.40 -1.35
HE3 MSE A 22 -12.19 -8.26 -0.96
N ARG A 23 -11.99 -4.02 -2.83
CA ARG A 23 -11.03 -2.92 -2.84
CA ARG A 23 -11.12 -2.85 -2.79
C ARG A 23 -9.86 -3.27 -1.99
N VAL A 24 -8.76 -2.60 -2.28
CA VAL A 24 -7.57 -2.75 -1.47
C VAL A 24 -7.81 -2.07 -0.09
N SER A 25 -7.08 -2.56 0.91
CA SER A 25 -6.98 -1.96 2.21
C SER A 25 -5.52 -2.00 2.62
N TYR A 26 -5.02 -0.87 3.13
CA TYR A 26 -3.67 -0.75 3.61
C TYR A 26 -3.56 -0.77 5.15
N ASN A 27 -4.61 -1.22 5.81
CA ASN A 27 -4.60 -1.22 7.28
C ASN A 27 -3.38 -1.93 7.85
N LYS A 28 -2.98 -3.05 7.26
CA LYS A 28 -1.86 -3.81 7.79
C LYS A 28 -0.57 -3.01 7.69
N LEU A 29 -0.41 -2.21 6.65
CA LEU A 29 0.77 -1.34 6.55
C LEU A 29 0.87 -0.39 7.75
N TRP A 30 -0.25 0.19 8.15
CA TRP A 30 -0.19 1.17 9.26
C TRP A 30 0.20 0.46 10.54
N LYS A 31 -0.32 -0.76 10.75
CA LYS A 31 0.06 -1.54 11.93
C LYS A 31 1.54 -1.87 11.91
N LEU A 32 2.05 -2.25 10.75
CA LEU A 32 3.44 -2.59 10.62
C LEU A 32 4.34 -1.38 10.90
N LEU A 33 3.98 -0.21 10.41
CA LEU A 33 4.80 0.98 10.69
C LEU A 33 4.87 1.25 12.18
N ILE A 34 3.77 1.16 12.88
CA ILE A 34 3.85 1.33 14.34
C ILE A 34 4.69 0.26 14.96
N ASP A 35 4.60 -0.97 14.52
CA ASP A 35 5.45 -2.05 15.03
C ASP A 35 6.93 -1.75 14.84
N ARG A 36 7.28 -0.97 13.84
CA ARG A 36 8.69 -0.63 13.51
C ARG A 36 8.99 0.75 14.12
N ASP A 37 8.11 1.38 14.87
CA ASP A 37 8.27 2.75 15.35
C ASP A 37 8.56 3.75 14.25
N MSE A 38 7.88 3.65 13.14
CA MSE A 38 8.10 4.53 12.03
CA MSE A 38 8.08 4.46 11.95
C MSE A 38 6.85 5.30 11.71
O MSE A 38 5.71 4.81 12.05
CB MSE A 38 8.52 3.72 10.83
CB MSE A 38 8.29 3.55 10.73
CG MSE A 38 9.77 2.93 11.08
CG MSE A 38 8.57 4.27 9.42
SE MSE A 38 10.24 1.80 9.69
SE MSE A 38 9.25 3.18 8.06
CE MSE A 38 10.51 3.00 8.28
CE MSE A 38 11.11 3.24 8.71
N LYS A 39 6.97 6.48 11.10
CA LYS A 39 5.87 7.32 10.64
C LYS A 39 5.72 7.20 9.16
N LYS A 40 4.55 7.53 8.67
CA LYS A 40 4.30 7.30 7.26
C LYS A 40 5.22 8.17 6.40
N GLY A 41 5.55 9.37 6.78
CA GLY A 41 6.44 10.17 5.97
C GLY A 41 7.80 9.56 5.84
N GLU A 42 8.27 8.88 6.87
CA GLU A 42 9.55 8.13 6.81
CA GLU A 42 9.54 8.22 6.78
C GLU A 42 9.53 7.08 5.73
N LEU A 43 8.42 6.36 5.65
CA LEU A 43 8.27 5.36 4.64
C LEU A 43 8.28 6.01 3.26
N ARG A 44 7.46 7.06 3.08
CA ARG A 44 7.34 7.79 1.79
CA ARG A 44 7.36 7.68 1.76
C ARG A 44 8.74 8.20 1.31
N GLU A 45 9.49 8.85 2.18
CA GLU A 45 10.74 9.46 1.79
C GLU A 45 11.82 8.40 1.61
N ALA A 46 11.85 7.38 2.43
CA ALA A 46 12.87 6.36 2.19
C ALA A 46 12.71 5.72 0.80
N VAL A 47 11.47 5.36 0.49
CA VAL A 47 11.19 4.61 -0.72
C VAL A 47 11.16 5.48 -1.94
N GLY A 48 10.91 6.78 -1.77
CA GLY A 48 10.83 7.70 -2.89
C GLY A 48 9.47 7.81 -3.52
N VAL A 49 8.43 7.41 -2.85
CA VAL A 49 7.10 7.47 -3.42
C VAL A 49 6.68 8.94 -3.52
N SER A 50 6.07 9.31 -4.66
CA SER A 50 5.60 10.65 -4.83
C SER A 50 4.47 10.99 -3.84
N LYS A 51 4.26 12.28 -3.65
CA LYS A 51 3.22 12.71 -2.71
C LYS A 51 1.84 12.21 -3.14
N SER A 52 1.48 12.33 -4.39
CA SER A 52 0.14 11.93 -4.79
C SER A 52 -0.04 10.41 -4.74
N THR A 53 0.97 9.64 -5.11
CA THR A 53 0.85 8.21 -5.00
C THR A 53 0.72 7.78 -3.59
N PHE A 54 1.54 8.36 -2.73
CA PHE A 54 1.49 8.00 -1.34
C PHE A 54 0.18 8.34 -0.72
N ALA A 55 -0.42 9.43 -1.14
CA ALA A 55 -1.71 9.82 -0.64
C ALA A 55 -2.77 8.77 -0.95
N LYS A 56 -2.62 8.01 -2.07
CA LYS A 56 -3.56 6.94 -2.37
C LYS A 56 -3.59 5.91 -1.27
N LEU A 57 -2.48 5.66 -0.59
CA LEU A 57 -2.46 4.70 0.47
C LEU A 57 -3.40 5.07 1.57
N GLY A 58 -3.40 6.39 1.96
CA GLY A 58 -4.29 6.89 3.00
C GLY A 58 -5.71 6.83 2.64
N LYS A 59 -6.02 6.69 1.33
CA LYS A 59 -7.36 6.64 0.84
C LYS A 59 -7.80 5.22 0.40
N ASN A 60 -6.98 4.23 0.66
CA ASN A 60 -7.26 2.86 0.16
C ASN A 60 -7.57 2.86 -1.33
N GLU A 61 -6.73 3.55 -2.08
CA GLU A 61 -6.79 3.55 -3.55
C GLU A 61 -5.64 2.76 -4.07
N ASN A 62 -5.83 2.19 -5.26
CA ASN A 62 -4.82 1.32 -5.84
C ASN A 62 -3.55 2.05 -6.19
N VAL A 63 -2.42 1.42 -5.92
CA VAL A 63 -1.12 1.85 -6.44
C VAL A 63 -0.51 0.69 -7.19
N SER A 64 0.58 0.92 -7.93
CA SER A 64 1.20 -0.11 -8.73
C SER A 64 1.87 -1.18 -7.88
N LEU A 65 2.00 -2.39 -8.43
CA LEU A 65 2.78 -3.37 -7.79
C LEU A 65 4.21 -2.92 -7.65
N THR A 66 4.74 -2.11 -8.55
CA THR A 66 6.10 -1.61 -8.41
CA THR A 66 6.13 -1.66 -8.34
C THR A 66 6.28 -0.87 -7.05
N VAL A 67 5.31 -0.01 -6.72
CA VAL A 67 5.33 0.70 -5.45
C VAL A 67 5.26 -0.26 -4.29
N LEU A 68 4.35 -1.22 -4.36
CA LEU A 68 4.20 -2.16 -3.27
C LEU A 68 5.44 -3.03 -3.08
N LEU A 69 6.05 -3.45 -4.18
CA LEU A 69 7.28 -4.22 -4.12
C LEU A 69 8.40 -3.43 -3.45
N ALA A 70 8.48 -2.15 -3.77
CA ALA A 70 9.50 -1.28 -3.17
C ALA A 70 9.28 -1.18 -1.66
N ILE A 71 8.03 -1.05 -1.23
CA ILE A 71 7.72 -1.02 0.19
C ILE A 71 8.11 -2.36 0.84
N CYS A 72 7.77 -3.50 0.22
CA CYS A 72 8.15 -4.80 0.73
C CYS A 72 9.68 -4.91 0.85
N GLU A 73 10.41 -4.43 -0.12
CA GLU A 73 11.87 -4.52 -0.11
C GLU A 73 12.43 -3.72 1.07
N TYR A 74 11.94 -2.49 1.25
CA TYR A 74 12.44 -1.64 2.32
C TYR A 74 12.09 -2.19 3.66
N LEU A 75 10.85 -2.64 3.88
CA LEU A 75 10.38 -3.14 5.16
C LEU A 75 10.71 -4.60 5.37
N ASN A 76 11.31 -5.29 4.44
CA ASN A 76 11.54 -6.72 4.59
C ASN A 76 10.29 -7.50 4.87
N CYS A 77 9.23 -7.27 4.11
CA CYS A 77 7.95 -7.93 4.33
C CYS A 77 7.42 -8.42 3.00
N ASP A 78 6.22 -8.98 3.08
CA ASP A 78 5.52 -9.52 1.92
C ASP A 78 4.22 -8.83 1.73
N PHE A 79 3.53 -9.11 0.60
CA PHE A 79 2.31 -8.42 0.29
C PHE A 79 1.27 -8.56 1.36
N GLY A 80 1.08 -9.75 1.89
CA GLY A 80 0.07 -9.95 2.91
C GLY A 80 0.35 -9.33 4.26
N ASP A 81 1.50 -8.67 4.40
CA ASP A 81 1.80 -7.88 5.56
C ASP A 81 1.40 -6.43 5.40
N ILE A 82 0.99 -6.03 4.19
CA ILE A 82 0.66 -4.61 3.94
C ILE A 82 -0.63 -4.39 3.22
N ILE A 83 -1.22 -5.37 2.53
CA ILE A 83 -2.45 -5.20 1.81
C ILE A 83 -3.42 -6.31 2.09
N GLU A 84 -4.70 -6.01 2.01
CA GLU A 84 -5.78 -6.98 2.13
C GLU A 84 -6.83 -6.62 1.13
N ALA A 85 -7.52 -7.62 0.58
CA ALA A 85 -8.69 -7.45 -0.28
C ALA A 85 -9.92 -7.47 0.58
N LEU A 86 -10.70 -6.40 0.58
CA LEU A 86 -11.95 -6.28 1.35
C LEU A 86 -13.10 -5.97 0.46
N PRO A 87 -14.29 -6.28 0.92
CA PRO A 87 -15.45 -5.80 0.20
C PRO A 87 -15.41 -4.28 0.07
N GLU A 88 -15.84 -3.72 -1.03
CA GLU A 88 -15.85 -2.27 -1.19
C GLU A 88 -16.82 -1.70 -0.16
#